data_3E13
#
_entry.id   3E13
#
_cell.length_a   57.113
_cell.length_b   54.740
_cell.length_c   92.237
_cell.angle_alpha   90.00
_cell.angle_beta   90.00
_cell.angle_gamma   90.00
#
_symmetry.space_group_name_H-M   'P 21 21 21'
#
loop_
_entity.id
_entity.type
_entity.pdbx_description
1 polymer 'Putative iron-uptake ABC transport system,periplasmic iron-binding protein'
2 non-polymer 'FE (III) ION'
3 water water
#
_entity_poly.entity_id   1
_entity_poly.type   'polypeptide(L)'
_entity_poly.pdbx_seq_one_letter_code
;ASELNIYSARHYNADFEIIKKFEEKTGIKVNHTQAKASELIKRLSLEGSNSPADIFITADISNLTEAKNLGLLSPVSSKY
LEEFIPAHLRDKDKEWFAITKRARIIAYNKNTNIDISKMKNYEDLAKAEFKGEIVMRSATAPYSKTLLASIIANDGNKEA
KAWAKGVLENLATNPKGGDRDQARQVFAGEAKFAVMNTYYIGLLKNSKNPKDVEVGNSLGIIFPNQDNRGTHINISGIAM
TKSSKNQDAAKKFMEFMLSPEIQKILTDSNYEFPIRNDVELSQTVKDFGTFKEDQIPVSKIAENIKEAVKIYDEVGFRIE
GR
;
_entity_poly.pdbx_strand_id   X
#
# COMPACT_ATOMS: atom_id res chain seq x y z
N SER A 2 23.33 -6.58 -17.46
CA SER A 2 22.74 -6.38 -18.84
C SER A 2 21.21 -6.29 -18.93
N GLU A 3 20.43 -7.28 -18.43
CA GLU A 3 18.97 -7.15 -18.32
C GLU A 3 18.55 -7.37 -16.84
N LEU A 4 17.40 -6.82 -16.50
CA LEU A 4 16.77 -7.00 -15.17
C LEU A 4 15.27 -7.10 -15.37
N ASN A 5 14.67 -8.20 -14.93
CA ASN A 5 13.26 -8.45 -15.14
C ASN A 5 12.43 -8.19 -13.87
N ILE A 6 11.61 -7.14 -13.89
CA ILE A 6 10.81 -6.73 -12.75
C ILE A 6 9.36 -7.07 -12.98
N TYR A 7 8.76 -7.80 -12.04
CA TYR A 7 7.33 -8.03 -11.95
C TYR A 7 6.83 -7.10 -10.83
N SER A 8 5.98 -6.14 -11.18
CA SER A 8 5.55 -5.10 -10.27
C SER A 8 4.06 -4.93 -10.16
N ALA A 9 3.58 -4.94 -8.92
CA ALA A 9 2.21 -4.66 -8.61
C ALA A 9 2.01 -3.20 -8.14
N ARG A 10 3.07 -2.40 -8.22
CA ARG A 10 2.93 -0.95 -8.12
C ARG A 10 2.18 -0.45 -9.39
N HIS A 11 1.74 0.80 -9.37
CA HIS A 11 0.85 1.29 -10.41
C HIS A 11 0.95 2.81 -10.51
N TYR A 12 2.20 3.26 -10.64
CA TYR A 12 2.54 4.68 -10.55
C TYR A 12 3.43 5.15 -11.67
N ASN A 13 3.10 6.32 -12.19
CA ASN A 13 3.94 6.95 -13.20
C ASN A 13 5.31 7.30 -12.71
N ALA A 14 5.44 7.62 -11.42
CA ALA A 14 6.75 7.95 -10.86
C ALA A 14 7.77 6.85 -11.00
N ASP A 15 7.33 5.61 -11.02
CA ASP A 15 8.24 4.49 -11.13
C ASP A 15 9.00 4.49 -12.45
N PHE A 16 8.35 4.96 -13.51
CA PHE A 16 9.01 5.00 -14.84
C PHE A 16 10.26 5.86 -14.80
N GLU A 17 10.17 6.99 -14.13
CA GLU A 17 11.31 7.89 -13.96
C GLU A 17 12.44 7.17 -13.19
N ILE A 18 12.05 6.47 -12.11
CA ILE A 18 13.02 5.78 -11.27
C ILE A 18 13.77 4.73 -12.07
N ILE A 19 13.03 4.01 -12.91
CA ILE A 19 13.61 2.94 -13.67
C ILE A 19 14.58 3.52 -14.70
N LYS A 20 14.21 4.61 -15.34
CA LYS A 20 15.08 5.28 -16.31
C LYS A 20 16.35 5.72 -15.66
N LYS A 21 16.24 6.25 -14.45
CA LYS A 21 17.43 6.63 -13.72
C LYS A 21 18.33 5.44 -13.43
N PHE A 22 17.77 4.27 -13.11
CA PHE A 22 18.59 3.08 -12.89
C PHE A 22 19.34 2.68 -14.17
N GLU A 23 18.61 2.70 -15.27
CA GLU A 23 19.14 2.31 -16.58
C GLU A 23 20.27 3.23 -16.95
N GLU A 24 20.05 4.53 -16.72
CA GLU A 24 21.08 5.52 -17.02
C GLU A 24 22.32 5.33 -16.16
N LYS A 25 22.13 5.05 -14.88
CA LYS A 25 23.24 4.88 -13.93
C LYS A 25 24.07 3.63 -14.22
N THR A 26 23.41 2.51 -14.51
CA THR A 26 24.06 1.23 -14.55
C THR A 26 24.31 0.61 -15.93
N GLY A 27 23.60 1.10 -16.93
CA GLY A 27 23.62 0.51 -18.25
C GLY A 27 22.82 -0.77 -18.38
N ILE A 28 22.07 -1.12 -17.33
CA ILE A 28 21.24 -2.33 -17.31
C ILE A 28 19.89 -2.01 -17.88
N LYS A 29 19.39 -2.84 -18.80
CA LYS A 29 18.05 -2.65 -19.34
C LYS A 29 17.03 -3.33 -18.46
N VAL A 30 16.01 -2.57 -18.06
CA VAL A 30 14.93 -3.10 -17.22
C VAL A 30 13.74 -3.48 -18.10
N ASN A 31 13.27 -4.71 -17.94
CA ASN A 31 12.02 -5.20 -18.54
C ASN A 31 10.97 -5.16 -17.43
N HIS A 32 10.03 -4.23 -17.52
CA HIS A 32 9.09 -3.95 -16.45
C HIS A 32 7.74 -4.54 -16.83
N THR A 33 7.27 -5.51 -16.03
CA THR A 33 5.95 -6.11 -16.22
C THR A 33 5.04 -5.70 -15.06
N GLN A 34 3.94 -5.02 -15.35
CA GLN A 34 2.99 -4.57 -14.34
C GLN A 34 1.70 -5.35 -14.48
N ALA A 35 1.19 -5.84 -13.37
CA ALA A 35 -0.10 -6.50 -13.29
C ALA A 35 -0.56 -6.51 -11.86
N LYS A 36 -1.76 -7.03 -11.63
CA LYS A 36 -2.24 -7.17 -10.26
C LYS A 36 -1.36 -8.13 -9.48
N ALA A 37 -1.22 -7.91 -8.17
CA ALA A 37 -0.37 -8.80 -7.39
C ALA A 37 -0.79 -10.26 -7.46
N SER A 38 -2.09 -10.49 -7.38
CA SER A 38 -2.61 -11.86 -7.40
C SER A 38 -2.21 -12.56 -8.71
N GLU A 39 -2.22 -11.82 -9.80
CA GLU A 39 -1.86 -12.33 -11.13
C GLU A 39 -0.37 -12.63 -11.16
N LEU A 40 0.46 -11.72 -10.61
CA LEU A 40 1.89 -11.92 -10.58
C LEU A 40 2.33 -13.06 -9.69
N ILE A 41 1.70 -13.23 -8.53
CA ILE A 41 2.04 -14.32 -7.64
C ILE A 41 1.67 -15.67 -8.29
N LYS A 42 0.52 -15.72 -8.92
CA LYS A 42 0.10 -16.94 -9.62
C LYS A 42 1.09 -17.26 -10.73
N ARG A 43 1.45 -16.21 -11.49
CA ARG A 43 2.42 -16.37 -12.55
C ARG A 43 3.78 -16.84 -12.04
N LEU A 44 4.30 -16.20 -10.99
CA LEU A 44 5.53 -16.68 -10.41
C LEU A 44 5.49 -18.15 -9.97
N SER A 45 4.37 -18.56 -9.39
CA SER A 45 4.19 -19.96 -8.96
C SER A 45 4.22 -20.93 -10.12
N LEU A 46 3.46 -20.62 -11.19
CA LEU A 46 3.42 -21.48 -12.38
C LEU A 46 4.72 -21.50 -13.16
N GLU A 47 5.41 -20.35 -13.23
CA GLU A 47 6.65 -20.25 -13.98
C GLU A 47 7.78 -20.92 -13.21
N GLY A 48 7.70 -20.85 -11.88
CA GLY A 48 8.65 -21.51 -10.99
C GLY A 48 10.08 -21.09 -11.28
N SER A 49 10.97 -22.08 -11.25
CA SER A 49 12.38 -21.83 -11.45
C SER A 49 12.70 -21.30 -12.84
N ASN A 50 11.79 -21.55 -13.79
CA ASN A 50 11.92 -21.07 -15.16
C ASN A 50 11.54 -19.63 -15.38
N SER A 51 11.00 -18.97 -14.36
CA SER A 51 10.57 -17.61 -14.56
C SER A 51 11.76 -16.74 -14.93
N PRO A 52 11.58 -15.83 -15.89
CA PRO A 52 12.62 -14.82 -16.14
C PRO A 52 12.69 -13.79 -15.01
N ALA A 53 11.64 -13.68 -14.19
CA ALA A 53 11.66 -12.65 -13.13
C ALA A 53 12.92 -12.66 -12.31
N ASP A 54 13.41 -11.45 -12.01
CA ASP A 54 14.45 -11.22 -11.04
C ASP A 54 13.96 -10.53 -9.75
N ILE A 55 12.90 -9.74 -9.89
CA ILE A 55 12.43 -8.86 -8.82
C ILE A 55 10.90 -8.91 -8.80
N PHE A 56 10.37 -8.90 -7.57
CA PHE A 56 8.96 -8.74 -7.30
C PHE A 56 8.80 -7.47 -6.49
N ILE A 57 8.04 -6.51 -6.98
CA ILE A 57 7.71 -5.28 -6.26
C ILE A 57 6.20 -5.24 -5.99
N THR A 58 5.84 -4.90 -4.75
CA THR A 58 4.41 -4.79 -4.36
C THR A 58 4.15 -3.43 -3.78
N ALA A 59 2.86 -3.16 -3.59
CA ALA A 59 2.40 -2.01 -2.87
C ALA A 59 1.75 -2.47 -1.55
N ASP A 60 2.24 -3.58 -1.02
CA ASP A 60 1.59 -4.25 0.09
C ASP A 60 2.49 -5.26 0.79
N ILE A 61 2.48 -5.22 2.11
CA ILE A 61 3.24 -6.21 2.89
C ILE A 61 2.77 -7.64 2.63
N SER A 62 1.45 -7.82 2.62
CA SER A 62 0.96 -9.21 2.64
C SER A 62 1.28 -9.94 1.34
N ASN A 63 1.29 -9.23 0.23
CA ASN A 63 1.71 -9.79 -1.04
C ASN A 63 3.16 -10.30 -1.01
N LEU A 64 4.05 -9.56 -0.36
CA LEU A 64 5.42 -10.01 -0.19
C LEU A 64 5.46 -11.26 0.66
N THR A 65 4.74 -11.28 1.78
CA THR A 65 4.77 -12.47 2.64
C THR A 65 4.11 -13.68 1.95
N GLU A 66 3.08 -13.44 1.18
CA GLU A 66 2.45 -14.55 0.41
C GLU A 66 3.49 -15.15 -0.52
N ALA A 67 4.21 -14.30 -1.24
CA ALA A 67 5.23 -14.76 -2.14
C ALA A 67 6.34 -15.52 -1.42
N LYS A 68 6.77 -15.00 -0.28
CA LYS A 68 7.72 -15.67 0.54
C LYS A 68 7.25 -17.06 0.93
N ASN A 69 6.01 -17.12 1.38
CA ASN A 69 5.49 -18.36 1.94
C ASN A 69 5.10 -19.35 0.86
N LEU A 70 4.96 -18.89 -0.39
CA LEU A 70 4.82 -19.79 -1.56
C LEU A 70 6.18 -20.30 -2.09
N GLY A 71 7.27 -19.90 -1.45
CA GLY A 71 8.60 -20.37 -1.79
C GLY A 71 9.22 -19.68 -2.99
N LEU A 72 8.77 -18.44 -3.27
CA LEU A 72 9.08 -17.80 -4.54
C LEU A 72 10.25 -16.81 -4.44
N LEU A 73 10.72 -16.50 -3.22
CA LEU A 73 11.71 -15.42 -3.07
C LEU A 73 13.04 -15.97 -2.55
N SER A 74 14.07 -15.12 -2.61
CA SER A 74 15.40 -15.55 -2.23
C SER A 74 16.00 -14.48 -1.32
N PRO A 75 16.75 -14.88 -0.31
CA PRO A 75 17.28 -13.88 0.63
C PRO A 75 18.39 -13.06 0.03
N VAL A 76 18.44 -11.78 0.47
CA VAL A 76 19.46 -10.83 0.09
C VAL A 76 20.07 -10.27 1.35
N SER A 77 21.39 -10.41 1.49
CA SER A 77 22.12 -9.86 2.63
C SER A 77 22.92 -8.66 2.14
N SER A 78 22.40 -7.45 2.43
CA SER A 78 22.95 -6.20 1.90
C SER A 78 23.21 -5.28 3.08
N LYS A 79 24.45 -4.85 3.24
CA LYS A 79 24.72 -3.86 4.28
C LYS A 79 23.98 -2.56 4.05
N TYR A 80 23.80 -2.23 2.78
CA TYR A 80 23.14 -1.00 2.38
C TYR A 80 21.68 -1.04 2.85
N LEU A 81 20.95 -2.11 2.49
CA LEU A 81 19.57 -2.22 2.88
C LEU A 81 19.40 -2.27 4.42
N GLU A 82 20.32 -2.94 5.12
CA GLU A 82 20.17 -3.12 6.53
C GLU A 82 20.51 -1.81 7.25
N GLU A 83 21.34 -1.01 6.65
CA GLU A 83 21.70 0.28 7.30
C GLU A 83 20.57 1.27 7.23
N PHE A 84 19.87 1.26 6.12
CA PHE A 84 18.90 2.31 5.88
C PHE A 84 17.45 1.90 6.07
N ILE A 85 17.15 0.61 6.07
CA ILE A 85 15.79 0.13 6.40
C ILE A 85 15.79 -0.34 7.83
N PRO A 86 14.94 0.23 8.68
CA PRO A 86 14.78 -0.27 10.03
C PRO A 86 14.35 -1.74 10.02
N ALA A 87 14.81 -2.52 10.99
CA ALA A 87 14.49 -3.96 11.04
C ALA A 87 12.98 -4.26 11.05
N HIS A 88 12.16 -3.39 11.63
CA HIS A 88 10.70 -3.61 11.66
C HIS A 88 10.05 -3.43 10.29
N LEU A 89 10.83 -3.03 9.31
CA LEU A 89 10.31 -2.75 7.97
C LEU A 89 10.97 -3.66 6.92
N ARG A 90 11.60 -4.72 7.38
CA ARG A 90 12.17 -5.72 6.47
C ARG A 90 12.05 -7.10 7.09
N ASP A 91 12.10 -8.15 6.26
CA ASP A 91 11.96 -9.53 6.72
C ASP A 91 13.13 -9.95 7.59
N LYS A 92 12.83 -10.59 8.73
CA LYS A 92 13.89 -11.15 9.54
C LYS A 92 14.71 -12.15 8.74
N ASP A 93 14.06 -12.84 7.80
CA ASP A 93 14.71 -13.84 6.96
C ASP A 93 15.26 -13.27 5.63
N LYS A 94 15.23 -11.94 5.50
CA LYS A 94 15.91 -11.21 4.43
C LYS A 94 15.34 -11.46 3.03
N GLU A 95 14.06 -11.79 2.93
CA GLU A 95 13.45 -12.06 1.63
C GLU A 95 12.61 -10.91 1.11
N TRP A 96 12.27 -9.91 1.94
CA TRP A 96 11.47 -8.78 1.47
C TRP A 96 11.90 -7.55 2.26
N PHE A 97 11.73 -6.40 1.64
CA PHE A 97 12.30 -5.12 2.18
C PHE A 97 11.37 -3.97 1.80
N ALA A 98 11.01 -3.10 2.74
CA ALA A 98 10.12 -1.99 2.41
C ALA A 98 10.92 -0.94 1.63
N ILE A 99 10.26 -0.30 0.67
CA ILE A 99 10.80 0.86 -0.04
C ILE A 99 10.06 2.16 0.34
N THR A 100 8.83 2.07 0.80
CA THR A 100 8.05 3.21 1.30
C THR A 100 7.08 2.77 2.37
N LYS A 101 6.54 3.73 3.11
CA LYS A 101 5.39 3.56 3.94
C LYS A 101 4.22 4.38 3.39
N ARG A 102 3.02 3.92 3.69
CA ARG A 102 1.77 4.63 3.37
C ARG A 102 0.75 4.35 4.47
N ALA A 103 -0.21 5.25 4.67
CA ALA A 103 -1.20 5.10 5.71
C ALA A 103 -2.60 5.00 5.06
N ARG A 104 -3.42 4.06 5.55
CA ARG A 104 -4.76 3.89 5.04
C ARG A 104 -5.69 4.65 6.00
N ILE A 105 -6.22 5.74 5.49
CA ILE A 105 -6.99 6.69 6.30
C ILE A 105 -8.42 6.78 5.87
N ILE A 106 -9.19 7.62 6.54
CA ILE A 106 -10.59 7.83 6.15
C ILE A 106 -10.67 9.28 5.66
N ALA A 107 -11.07 9.46 4.41
CA ALA A 107 -11.12 10.80 3.81
C ALA A 107 -12.56 11.31 3.83
N TYR A 108 -12.73 12.61 4.10
CA TYR A 108 -14.05 13.27 4.02
C TYR A 108 -13.95 14.51 3.10
N ASN A 109 -15.09 15.11 2.77
CA ASN A 109 -15.12 16.32 1.95
C ASN A 109 -15.03 17.54 2.86
N LYS A 110 -13.86 18.16 2.89
CA LYS A 110 -13.63 19.29 3.77
C LYS A 110 -14.27 20.60 3.25
N ASN A 111 -14.87 20.55 2.06
CA ASN A 111 -15.69 21.64 1.54
C ASN A 111 -17.16 21.45 1.87
N THR A 112 -17.45 20.57 2.83
CA THR A 112 -18.76 20.44 3.45
C THR A 112 -18.62 20.57 4.94
N ASN A 113 -19.77 20.86 5.57
CA ASN A 113 -19.92 20.80 7.00
C ASN A 113 -20.29 19.37 7.23
N ILE A 114 -19.37 18.63 7.83
CA ILE A 114 -19.60 17.21 8.12
C ILE A 114 -19.10 16.99 9.52
N ASP A 115 -19.92 16.31 10.30
CA ASP A 115 -19.58 15.95 11.67
C ASP A 115 -18.71 14.67 11.59
N ILE A 116 -17.46 14.81 11.96
CA ILE A 116 -16.52 13.68 11.98
C ILE A 116 -16.23 13.25 13.43
N SER A 117 -16.95 13.81 14.40
CA SER A 117 -16.70 13.48 15.80
C SER A 117 -16.90 12.01 16.13
N LYS A 118 -17.72 11.30 15.36
CA LYS A 118 -18.04 9.87 15.61
C LYS A 118 -17.40 8.93 14.59
N MET A 119 -16.52 9.46 13.76
CA MET A 119 -15.78 8.64 12.81
C MET A 119 -14.29 8.76 13.18
N LYS A 120 -13.91 8.08 14.24
CA LYS A 120 -12.60 8.22 14.86
C LYS A 120 -11.67 6.97 14.67
N ASN A 121 -12.24 5.76 14.65
CA ASN A 121 -11.53 4.50 14.63
C ASN A 121 -12.02 3.67 13.45
N TYR A 122 -11.22 2.72 13.02
CA TYR A 122 -11.62 1.76 11.95
C TYR A 122 -12.96 1.17 12.27
N GLU A 123 -13.20 0.87 13.56
CA GLU A 123 -14.41 0.18 14.00
C GLU A 123 -15.65 0.97 13.60
N ASP A 124 -15.52 2.28 13.61
CA ASP A 124 -16.66 3.14 13.38
C ASP A 124 -17.20 3.03 11.94
N LEU A 125 -16.34 2.65 10.98
CA LEU A 125 -16.80 2.46 9.60
C LEU A 125 -17.92 1.44 9.47
N ALA A 126 -18.02 0.54 10.43
CA ALA A 126 -18.98 -0.58 10.43
C ALA A 126 -20.27 -0.29 11.24
N LYS A 127 -20.34 0.91 11.83
CA LYS A 127 -21.49 1.30 12.66
C LYS A 127 -22.72 1.65 11.85
N ALA A 128 -23.88 1.27 12.38
CA ALA A 128 -25.14 1.51 11.67
C ALA A 128 -25.42 2.96 11.30
N GLU A 129 -24.97 3.90 12.12
CA GLU A 129 -25.17 5.30 11.85
C GLU A 129 -24.57 5.80 10.52
N PHE A 130 -23.62 5.04 9.98
CA PHE A 130 -22.97 5.41 8.72
C PHE A 130 -23.45 4.59 7.54
N LYS A 131 -24.58 3.88 7.68
CA LYS A 131 -25.12 3.12 6.55
C LYS A 131 -25.37 4.03 5.36
N GLY A 132 -24.83 3.61 4.20
CA GLY A 132 -24.96 4.32 2.95
C GLY A 132 -24.01 5.48 2.77
N GLU A 133 -23.08 5.62 3.72
CA GLU A 133 -22.24 6.82 3.78
C GLU A 133 -20.75 6.53 3.53
N ILE A 134 -20.41 5.26 3.36
CA ILE A 134 -19.00 4.83 3.24
C ILE A 134 -18.74 4.31 1.84
N VAL A 135 -17.54 4.54 1.29
CA VAL A 135 -17.09 3.82 0.10
C VAL A 135 -15.70 3.20 0.35
N MET A 136 -15.50 2.03 -0.22
CA MET A 136 -14.25 1.31 -0.14
C MET A 136 -14.17 0.46 -1.37
N ARG A 137 -12.96 0.30 -1.87
CA ARG A 137 -12.71 -0.60 -2.99
C ARG A 137 -12.89 -2.07 -2.63
N SER A 138 -12.76 -2.91 -3.65
CA SER A 138 -12.98 -4.34 -3.47
C SER A 138 -12.21 -4.92 -2.31
N ALA A 139 -12.85 -5.88 -1.67
CA ALA A 139 -12.20 -6.73 -0.67
C ALA A 139 -11.04 -7.54 -1.21
N THR A 140 -11.02 -7.78 -2.51
CA THR A 140 -9.92 -8.52 -3.11
C THR A 140 -8.65 -7.66 -3.33
N ALA A 141 -8.76 -6.35 -3.10
CA ALA A 141 -7.60 -5.49 -3.25
C ALA A 141 -6.63 -5.68 -2.10
N PRO A 142 -5.33 -5.71 -2.39
CA PRO A 142 -4.32 -5.84 -1.31
C PRO A 142 -4.55 -4.88 -0.16
N TYR A 143 -4.83 -3.62 -0.42
CA TYR A 143 -5.02 -2.65 0.69
C TYR A 143 -6.17 -3.07 1.59
N SER A 144 -7.21 -3.66 1.02
CA SER A 144 -8.38 -4.05 1.81
C SER A 144 -8.09 -5.29 2.60
N LYS A 145 -7.44 -6.26 1.97
CA LYS A 145 -7.06 -7.52 2.62
C LYS A 145 -6.12 -7.24 3.80
N THR A 146 -5.14 -6.38 3.61
CA THR A 146 -4.18 -6.10 4.65
C THR A 146 -4.75 -5.27 5.76
N LEU A 147 -5.65 -4.34 5.47
CA LEU A 147 -6.33 -3.63 6.51
C LEU A 147 -7.13 -4.59 7.41
N LEU A 148 -7.88 -5.53 6.80
CA LEU A 148 -8.65 -6.45 7.60
C LEU A 148 -7.75 -7.37 8.41
N ALA A 149 -6.66 -7.82 7.82
CA ALA A 149 -5.64 -8.61 8.53
C ALA A 149 -5.13 -7.86 9.76
N SER A 150 -4.96 -6.55 9.63
CA SER A 150 -4.54 -5.74 10.80
C SER A 150 -5.57 -5.69 11.90
N ILE A 151 -6.85 -5.68 11.52
CA ILE A 151 -7.94 -5.72 12.51
C ILE A 151 -7.98 -7.08 13.22
N ILE A 152 -7.80 -8.18 12.47
CA ILE A 152 -7.67 -9.48 13.08
C ILE A 152 -6.53 -9.46 14.09
N ALA A 153 -5.38 -8.97 13.66
CA ALA A 153 -4.21 -8.99 14.51
C ALA A 153 -4.40 -8.18 15.79
N ASN A 154 -5.11 -7.05 15.69
CA ASN A 154 -5.25 -6.14 16.81
C ASN A 154 -6.47 -6.51 17.71
N ASP A 155 -7.59 -6.88 17.10
CA ASP A 155 -8.87 -6.97 17.79
C ASP A 155 -9.50 -8.35 17.72
N GLY A 156 -8.89 -9.30 17.00
CA GLY A 156 -9.41 -10.66 16.93
C GLY A 156 -10.31 -10.91 15.75
N ASN A 157 -10.56 -12.20 15.45
CA ASN A 157 -11.35 -12.53 14.27
C ASN A 157 -12.86 -12.30 14.36
N LYS A 158 -13.42 -12.17 15.57
CA LYS A 158 -14.84 -11.89 15.66
C LYS A 158 -15.11 -10.42 15.45
N GLU A 159 -14.27 -9.55 16.00
CA GLU A 159 -14.40 -8.15 15.63
C GLU A 159 -14.15 -7.96 14.13
N ALA A 160 -13.16 -8.64 13.59
CA ALA A 160 -12.90 -8.57 12.13
C ALA A 160 -14.10 -8.93 11.29
N LYS A 161 -14.81 -10.01 11.63
CA LYS A 161 -15.93 -10.45 10.83
C LYS A 161 -17.05 -9.46 10.98
N ALA A 162 -17.32 -9.00 12.21
CA ALA A 162 -18.35 -8.02 12.42
C ALA A 162 -18.07 -6.69 11.65
N TRP A 163 -16.80 -6.29 11.65
CA TRP A 163 -16.37 -5.12 10.89
C TRP A 163 -16.61 -5.27 9.41
N ALA A 164 -16.20 -6.40 8.86
CA ALA A 164 -16.34 -6.66 7.43
C ALA A 164 -17.82 -6.64 7.02
N LYS A 165 -18.66 -7.28 7.84
CA LYS A 165 -20.09 -7.32 7.58
C LYS A 165 -20.73 -5.95 7.60
N GLY A 166 -20.35 -5.14 8.60
CA GLY A 166 -20.90 -3.82 8.72
C GLY A 166 -20.45 -2.88 7.62
N VAL A 167 -19.17 -2.91 7.28
CA VAL A 167 -18.64 -2.16 6.16
C VAL A 167 -19.39 -2.52 4.87
N LEU A 168 -19.59 -3.79 4.61
CA LEU A 168 -20.33 -4.24 3.43
C LEU A 168 -21.71 -3.63 3.43
N GLU A 169 -22.39 -3.72 4.56
CA GLU A 169 -23.76 -3.23 4.67
C GLU A 169 -23.84 -1.73 4.45
N ASN A 170 -22.80 -1.01 4.88
CA ASN A 170 -22.75 0.44 4.84
C ASN A 170 -22.32 1.06 3.53
N LEU A 171 -21.83 0.29 2.57
CA LEU A 171 -21.32 0.88 1.35
C LEU A 171 -22.38 1.68 0.64
N ALA A 172 -22.03 2.89 0.23
CA ALA A 172 -22.93 3.71 -0.59
C ALA A 172 -23.20 3.05 -1.95
N THR A 173 -22.18 2.39 -2.49
CA THR A 173 -22.23 1.68 -3.78
C THR A 173 -21.38 0.44 -3.68
N ASN A 174 -21.67 -0.56 -4.52
CA ASN A 174 -20.70 -1.61 -4.76
C ASN A 174 -19.35 -0.96 -5.04
N PRO A 175 -18.29 -1.63 -4.62
CA PRO A 175 -16.96 -1.14 -4.95
C PRO A 175 -16.78 -0.89 -6.44
N LYS A 176 -16.32 0.31 -6.75
CA LYS A 176 -16.17 0.76 -8.12
C LYS A 176 -14.80 1.37 -8.22
N GLY A 177 -13.88 0.64 -8.83
CA GLY A 177 -12.51 1.05 -9.00
C GLY A 177 -11.72 1.22 -7.71
N GLY A 178 -10.64 2.00 -7.78
CA GLY A 178 -9.66 2.04 -6.70
C GLY A 178 -9.80 3.33 -5.92
N ASP A 179 -8.86 3.51 -5.00
CA ASP A 179 -8.83 4.62 -4.08
C ASP A 179 -9.19 5.99 -4.70
N ARG A 180 -8.62 6.32 -5.88
CA ARG A 180 -8.89 7.61 -6.48
C ARG A 180 -10.35 7.74 -6.90
N ASP A 181 -10.96 6.61 -7.28
CA ASP A 181 -12.37 6.59 -7.59
C ASP A 181 -13.27 6.79 -6.36
N GLN A 182 -12.92 6.16 -5.23
CA GLN A 182 -13.60 6.38 -3.99
C GLN A 182 -13.46 7.86 -3.61
N ALA A 183 -12.28 8.43 -3.84
CA ALA A 183 -12.08 9.85 -3.52
C ALA A 183 -13.03 10.74 -4.34
N ARG A 184 -13.18 10.39 -5.61
CA ARG A 184 -14.08 11.16 -6.47
C ARG A 184 -15.51 11.06 -5.94
N GLN A 185 -15.90 9.88 -5.47
CA GLN A 185 -17.23 9.74 -4.90
C GLN A 185 -17.44 10.68 -3.73
N VAL A 186 -16.42 10.92 -2.93
CA VAL A 186 -16.50 11.90 -1.84
C VAL A 186 -16.55 13.35 -2.31
N PHE A 187 -15.70 13.66 -3.29
CA PHE A 187 -15.74 14.96 -3.96
C PHE A 187 -17.17 15.26 -4.49
N ALA A 188 -17.80 14.27 -5.12
CA ALA A 188 -19.06 14.41 -5.85
C ALA A 188 -20.28 14.37 -4.93
N GLY A 189 -20.06 14.05 -3.65
CA GLY A 189 -21.11 13.96 -2.64
C GLY A 189 -21.92 12.66 -2.73
N GLU A 190 -21.35 11.62 -3.32
CA GLU A 190 -22.02 10.32 -3.42
C GLU A 190 -21.83 9.50 -2.14
N ALA A 191 -20.88 9.90 -1.30
CA ALA A 191 -20.60 9.23 -0.04
C ALA A 191 -19.90 10.24 0.84
N LYS A 192 -20.00 10.07 2.14
CA LYS A 192 -19.32 10.98 3.05
C LYS A 192 -17.88 10.61 3.41
N PHE A 193 -17.56 9.33 3.37
CA PHE A 193 -16.25 8.86 3.85
C PHE A 193 -15.72 7.83 2.89
N ALA A 194 -14.46 7.95 2.52
CA ALA A 194 -13.75 7.00 1.71
C ALA A 194 -12.58 6.41 2.46
N VAL A 195 -12.42 5.10 2.38
CA VAL A 195 -11.20 4.43 2.84
C VAL A 195 -10.16 4.52 1.73
N MET A 196 -9.03 5.17 2.01
CA MET A 196 -8.01 5.37 1.00
C MET A 196 -6.60 5.65 1.57
N ASN A 197 -5.58 5.45 0.76
CA ASN A 197 -4.19 5.68 1.16
C ASN A 197 -3.84 7.16 0.99
N THR A 198 -2.99 7.62 1.88
CA THR A 198 -2.63 9.02 1.94
C THR A 198 -2.01 9.57 0.67
N TYR A 199 -1.11 8.80 0.06
CA TYR A 199 -0.37 9.28 -1.11
C TYR A 199 -1.29 9.65 -2.27
N TYR A 200 -2.44 8.97 -2.38
CA TYR A 200 -3.36 9.33 -3.46
C TYR A 200 -3.86 10.76 -3.32
N ILE A 201 -4.00 11.27 -2.09
CA ILE A 201 -4.44 12.67 -1.91
C ILE A 201 -3.38 13.59 -2.50
N GLY A 202 -2.11 13.28 -2.26
CA GLY A 202 -1.05 14.02 -2.91
C GLY A 202 -0.96 13.92 -4.39
N LEU A 203 -1.16 12.72 -4.93
CA LEU A 203 -1.11 12.52 -6.36
C LEU A 203 -2.21 13.35 -7.01
N LEU A 204 -3.39 13.30 -6.43
CA LEU A 204 -4.52 14.03 -6.98
C LEU A 204 -4.28 15.53 -6.96
N LYS A 205 -3.91 16.06 -5.77
CA LYS A 205 -3.68 17.49 -5.64
C LYS A 205 -2.62 18.08 -6.55
N ASN A 206 -1.64 17.28 -6.93
CA ASN A 206 -0.55 17.68 -7.80
C ASN A 206 -0.62 17.17 -9.26
N SER A 207 -1.76 16.60 -9.61
CA SER A 207 -1.95 16.02 -10.93
C SER A 207 -1.90 17.05 -12.04
N LYS A 208 -1.41 16.62 -13.19
CA LYS A 208 -1.49 17.42 -14.41
C LYS A 208 -2.89 17.36 -15.05
N ASN A 209 -3.78 16.55 -14.49
CA ASN A 209 -5.16 16.53 -14.89
C ASN A 209 -5.96 17.43 -13.95
N PRO A 210 -6.42 18.60 -14.42
CA PRO A 210 -7.12 19.52 -13.52
C PRO A 210 -8.32 18.93 -12.79
N LYS A 211 -8.98 17.92 -13.36
CA LYS A 211 -10.11 17.32 -12.66
C LYS A 211 -9.63 16.55 -11.40
N ASP A 212 -8.42 15.97 -11.49
CA ASP A 212 -7.87 15.24 -10.37
C ASP A 212 -7.61 16.25 -9.25
N VAL A 213 -7.10 17.41 -9.62
CA VAL A 213 -6.79 18.50 -8.64
C VAL A 213 -8.02 18.94 -7.90
N GLU A 214 -9.14 19.06 -8.60
CA GLU A 214 -10.41 19.42 -7.95
C GLU A 214 -10.79 18.37 -6.88
N VAL A 215 -10.69 17.10 -7.27
CA VAL A 215 -10.98 16.02 -6.32
C VAL A 215 -10.07 16.08 -5.13
N GLY A 216 -8.75 16.11 -5.37
CA GLY A 216 -7.80 16.04 -4.28
C GLY A 216 -7.94 17.21 -3.33
N ASN A 217 -8.31 18.36 -3.89
CA ASN A 217 -8.39 19.59 -3.09
C ASN A 217 -9.59 19.58 -2.12
N SER A 218 -10.59 18.72 -2.38
CA SER A 218 -11.76 18.59 -1.55
C SER A 218 -11.57 17.70 -0.34
N LEU A 219 -10.45 16.97 -0.27
CA LEU A 219 -10.27 15.92 0.75
C LEU A 219 -9.65 16.39 2.05
N GLY A 220 -10.35 16.10 3.16
CA GLY A 220 -9.76 16.12 4.48
C GLY A 220 -9.41 14.70 4.97
N ILE A 221 -8.45 14.60 5.88
CA ILE A 221 -7.97 13.31 6.37
C ILE A 221 -8.39 13.13 7.81
N ILE A 222 -8.98 11.98 8.10
CA ILE A 222 -9.01 11.43 9.47
C ILE A 222 -7.93 10.37 9.56
N PHE A 223 -6.97 10.56 10.43
CA PHE A 223 -6.04 9.48 10.79
C PHE A 223 -6.71 8.59 11.84
N PRO A 224 -7.15 7.38 11.48
CA PRO A 224 -7.92 6.63 12.46
C PRO A 224 -7.12 6.21 13.68
N ASN A 225 -7.87 6.08 14.75
CA ASN A 225 -7.42 5.47 16.01
C ASN A 225 -6.41 6.28 16.80
N GLN A 226 -6.43 7.60 16.63
CA GLN A 226 -5.50 8.48 17.34
C GLN A 226 -5.65 8.40 18.84
N ASP A 227 -6.84 8.06 19.32
CA ASP A 227 -7.04 7.97 20.78
C ASP A 227 -6.52 6.67 21.37
N ASN A 228 -6.04 5.74 20.52
CA ASN A 228 -5.64 4.44 21.01
C ASN A 228 -4.40 3.95 20.25
N ARG A 229 -4.54 2.95 19.38
CA ARG A 229 -3.40 2.27 18.81
C ARG A 229 -2.70 2.97 17.65
N GLY A 230 -3.37 3.96 17.04
CA GLY A 230 -2.87 4.67 15.87
C GLY A 230 -3.26 4.04 14.55
N THR A 231 -2.85 4.73 13.51
CA THR A 231 -3.32 4.50 12.16
C THR A 231 -2.57 3.33 11.51
N HIS A 232 -3.30 2.62 10.65
CA HIS A 232 -2.75 1.53 9.84
C HIS A 232 -1.72 2.01 8.83
N ILE A 233 -0.51 1.48 9.00
CA ILE A 233 0.59 1.65 8.08
C ILE A 233 0.77 0.35 7.27
N ASN A 234 0.96 0.50 5.95
CA ASN A 234 1.33 -0.58 5.06
C ASN A 234 2.57 -0.11 4.32
N ILE A 235 3.30 -1.03 3.70
CA ILE A 235 4.47 -0.70 2.91
C ILE A 235 4.31 -1.05 1.46
N SER A 236 5.05 -0.37 0.60
CA SER A 236 5.39 -0.89 -0.70
C SER A 236 6.78 -1.51 -0.45
N GLY A 237 7.07 -2.60 -1.12
CA GLY A 237 8.32 -3.27 -0.89
C GLY A 237 8.78 -4.13 -2.02
N ILE A 238 9.90 -4.80 -1.80
CA ILE A 238 10.64 -5.39 -2.91
C ILE A 238 11.39 -6.62 -2.45
N ALA A 239 11.51 -7.58 -3.36
CA ALA A 239 12.15 -8.86 -3.14
C ALA A 239 12.84 -9.35 -4.41
N MET A 240 13.94 -10.10 -4.24
CA MET A 240 14.52 -10.91 -5.29
C MET A 240 13.81 -12.24 -5.38
N THR A 241 13.50 -12.66 -6.58
CA THR A 241 12.87 -13.96 -6.79
C THR A 241 13.89 -15.10 -6.76
N LYS A 242 13.43 -16.26 -6.31
CA LYS A 242 14.27 -17.45 -6.30
C LYS A 242 14.69 -17.81 -7.75
N SER A 243 13.90 -17.37 -8.73
CA SER A 243 14.15 -17.65 -10.15
C SER A 243 15.19 -16.75 -10.76
N SER A 244 15.53 -15.66 -10.06
CA SER A 244 16.47 -14.67 -10.58
C SER A 244 17.78 -15.24 -11.09
N LYS A 245 18.07 -14.93 -12.38
CA LYS A 245 19.35 -15.28 -12.98
C LYS A 245 20.25 -14.05 -13.13
N ASN A 246 19.71 -12.86 -12.87
CA ASN A 246 20.46 -11.60 -12.90
C ASN A 246 20.55 -11.07 -11.47
N GLN A 247 21.11 -11.86 -10.56
CA GLN A 247 21.06 -11.56 -9.14
C GLN A 247 21.85 -10.33 -8.75
N ASP A 248 22.97 -10.09 -9.43
CA ASP A 248 23.75 -8.86 -9.14
C ASP A 248 22.93 -7.60 -9.48
N ALA A 249 22.30 -7.60 -10.64
CA ALA A 249 21.47 -6.49 -11.05
C ALA A 249 20.28 -6.33 -10.09
N ALA A 250 19.72 -7.43 -9.62
CA ALA A 250 18.59 -7.40 -8.75
C ALA A 250 18.95 -6.70 -7.42
N LYS A 251 20.08 -7.07 -6.88
CA LYS A 251 20.57 -6.52 -5.62
C LYS A 251 20.89 -5.05 -5.81
N LYS A 252 21.48 -4.69 -6.95
CA LYS A 252 21.79 -3.30 -7.27
C LYS A 252 20.51 -2.47 -7.33
N PHE A 253 19.49 -3.03 -7.93
CA PHE A 253 18.22 -2.35 -8.05
C PHE A 253 17.56 -2.14 -6.68
N MET A 254 17.58 -3.17 -5.83
CA MET A 254 17.00 -3.10 -4.50
C MET A 254 17.70 -1.96 -3.70
N GLU A 255 19.04 -1.92 -3.78
CA GLU A 255 19.79 -0.87 -3.10
C GLU A 255 19.49 0.50 -3.68
N PHE A 256 19.36 0.58 -4.99
CA PHE A 256 19.06 1.82 -5.66
C PHE A 256 17.71 2.40 -5.16
N MET A 257 16.74 1.53 -4.89
CA MET A 257 15.43 1.99 -4.40
C MET A 257 15.53 2.66 -3.03
N LEU A 258 16.57 2.38 -2.26
CA LEU A 258 16.78 3.03 -0.94
C LEU A 258 17.80 4.15 -1.02
N SER A 259 18.25 4.49 -2.21
CA SER A 259 19.24 5.60 -2.35
C SER A 259 18.58 6.95 -2.08
N PRO A 260 19.37 7.93 -1.67
CA PRO A 260 18.85 9.26 -1.37
C PRO A 260 17.97 9.87 -2.43
N GLU A 261 18.41 9.84 -3.70
CA GLU A 261 17.67 10.45 -4.77
C GLU A 261 16.33 9.78 -5.02
N ILE A 262 16.31 8.46 -4.92
CA ILE A 262 15.12 7.73 -5.26
C ILE A 262 14.09 7.83 -4.12
N GLN A 263 14.56 7.79 -2.87
CA GLN A 263 13.67 7.98 -1.75
C GLN A 263 13.05 9.38 -1.79
N LYS A 264 13.84 10.37 -2.22
CA LYS A 264 13.30 11.71 -2.39
C LYS A 264 12.22 11.77 -3.51
N ILE A 265 12.43 11.09 -4.62
CA ILE A 265 11.41 11.06 -5.68
C ILE A 265 10.14 10.40 -5.17
N LEU A 266 10.28 9.34 -4.39
CA LEU A 266 9.11 8.62 -3.89
C LEU A 266 8.23 9.53 -3.04
N THR A 267 8.82 10.45 -2.26
CA THR A 267 7.97 11.39 -1.53
C THR A 267 7.58 12.64 -2.35
N ASP A 268 8.50 13.13 -3.18
CA ASP A 268 8.25 14.34 -3.95
C ASP A 268 7.30 14.15 -5.14
N SER A 269 7.41 13.01 -5.79
CA SER A 269 6.66 12.71 -6.99
C SER A 269 5.53 11.69 -6.80
N ASN A 270 5.61 10.86 -5.78
CA ASN A 270 4.55 9.89 -5.48
C ASN A 270 3.86 10.07 -4.15
N TYR A 271 4.30 11.05 -3.34
CA TYR A 271 3.65 11.43 -2.11
C TYR A 271 3.58 10.36 -1.04
N GLU A 272 4.51 9.42 -1.11
CA GLU A 272 4.64 8.37 -0.11
C GLU A 272 5.56 8.82 0.98
N PHE A 273 5.59 8.08 2.09
CA PHE A 273 6.56 8.33 3.17
C PHE A 273 7.83 7.54 2.87
N PRO A 274 8.99 8.19 2.91
CA PRO A 274 10.26 7.45 2.74
C PRO A 274 10.52 6.48 3.86
N ILE A 275 11.29 5.43 3.56
CA ILE A 275 11.80 4.56 4.61
C ILE A 275 13.00 5.20 5.29
N ARG A 276 13.86 5.86 4.53
CA ARG A 276 15.05 6.46 5.13
C ARG A 276 14.65 7.56 6.06
N ASN A 277 15.42 7.70 7.16
CA ASN A 277 15.16 8.70 8.15
C ASN A 277 15.89 10.02 7.94
N ASP A 278 16.56 10.15 6.82
CA ASP A 278 17.29 11.37 6.45
C ASP A 278 16.80 12.04 5.15
N VAL A 279 15.58 11.71 4.75
CA VAL A 279 14.95 12.28 3.58
C VAL A 279 13.72 13.11 4.03
N GLU A 280 13.79 14.41 3.82
CA GLU A 280 12.66 15.30 4.14
C GLU A 280 11.43 14.93 3.35
N LEU A 281 10.29 15.01 4.02
CA LEU A 281 9.00 14.84 3.36
C LEU A 281 8.75 15.95 2.36
N SER A 282 8.04 15.66 1.28
CA SER A 282 7.64 16.66 0.33
C SER A 282 6.59 17.55 1.03
N GLN A 283 6.42 18.76 0.51
CA GLN A 283 5.57 19.73 1.20
C GLN A 283 4.10 19.29 1.28
N THR A 284 3.62 18.64 0.23
CA THR A 284 2.28 18.07 0.22
C THR A 284 2.13 17.04 1.32
N VAL A 285 3.11 16.19 1.48
CA VAL A 285 3.03 15.16 2.49
C VAL A 285 3.10 15.79 3.92
N LYS A 286 3.91 16.80 4.12
CA LYS A 286 3.89 17.49 5.38
C LYS A 286 2.53 18.05 5.72
N ASP A 287 1.82 18.48 4.68
CA ASP A 287 0.46 19.04 4.88
C ASP A 287 -0.57 18.00 5.27
N PHE A 288 -0.29 16.71 5.07
CA PHE A 288 -1.21 15.66 5.57
C PHE A 288 -1.35 15.75 7.09
N GLY A 289 -0.28 16.20 7.76
CA GLY A 289 -0.25 16.39 9.20
C GLY A 289 0.51 15.30 9.93
N THR A 290 0.76 15.52 11.21
CA THR A 290 1.43 14.52 12.03
C THR A 290 0.34 13.60 12.62
N PHE A 291 0.71 12.38 12.93
CA PHE A 291 -0.23 11.39 13.42
C PHE A 291 0.47 10.23 14.14
N LYS A 292 -0.28 9.57 15.02
CA LYS A 292 0.17 8.35 15.67
C LYS A 292 0.01 7.17 14.74
N GLU A 293 1.05 6.36 14.62
CA GLU A 293 1.06 5.14 13.79
C GLU A 293 0.90 3.90 14.65
N ASP A 294 0.18 2.91 14.12
CA ASP A 294 0.13 1.64 14.77
C ASP A 294 1.55 1.08 14.85
N GLN A 295 1.89 0.62 16.05
CA GLN A 295 3.21 0.05 16.31
C GLN A 295 3.38 -1.41 15.94
N ILE A 296 2.31 -2.07 15.52
CA ILE A 296 2.40 -3.49 15.23
C ILE A 296 3.40 -3.72 14.08
N PRO A 297 4.23 -4.76 14.15
CA PRO A 297 5.08 -5.06 13.02
C PRO A 297 4.23 -5.45 11.83
N VAL A 298 4.61 -4.96 10.66
CA VAL A 298 3.84 -5.29 9.44
C VAL A 298 3.89 -6.76 9.16
N SER A 299 5.00 -7.42 9.50
CA SER A 299 5.07 -8.89 9.38
C SER A 299 3.97 -9.63 10.17
N LYS A 300 3.66 -9.15 11.36
CA LYS A 300 2.60 -9.73 12.21
C LYS A 300 1.19 -9.53 11.59
N ILE A 301 0.94 -8.36 11.02
CA ILE A 301 -0.31 -8.14 10.27
C ILE A 301 -0.47 -9.25 9.22
N ALA A 302 0.59 -9.43 8.43
CA ALA A 302 0.56 -10.33 7.28
C ALA A 302 0.37 -11.80 7.64
N GLU A 303 0.67 -12.17 8.89
CA GLU A 303 0.36 -13.50 9.40
C GLU A 303 -1.12 -13.85 9.37
N ASN A 304 -1.97 -12.83 9.21
CA ASN A 304 -3.39 -13.01 9.24
C ASN A 304 -4.09 -12.88 7.89
N ILE A 305 -3.31 -12.94 6.82
CA ILE A 305 -3.85 -12.67 5.51
C ILE A 305 -4.81 -13.76 5.04
N LYS A 306 -4.50 -15.02 5.32
CA LYS A 306 -5.38 -16.10 4.82
C LYS A 306 -6.77 -15.98 5.44
N GLU A 307 -6.83 -15.70 6.73
CA GLU A 307 -8.09 -15.58 7.44
C GLU A 307 -8.86 -14.33 7.00
N ALA A 308 -8.16 -13.23 6.71
CA ALA A 308 -8.81 -12.04 6.18
C ALA A 308 -9.55 -12.34 4.89
N VAL A 309 -8.91 -13.06 3.97
CA VAL A 309 -9.55 -13.46 2.72
C VAL A 309 -10.86 -14.22 3.00
N LYS A 310 -10.77 -15.19 3.91
CA LYS A 310 -11.92 -16.03 4.23
C LYS A 310 -13.04 -15.23 4.87
N ILE A 311 -12.70 -14.29 5.73
CA ILE A 311 -13.72 -13.45 6.32
C ILE A 311 -14.42 -12.58 5.33
N TYR A 312 -13.69 -11.91 4.42
CA TYR A 312 -14.36 -11.10 3.45
C TYR A 312 -15.29 -12.00 2.58
N ASP A 313 -14.80 -13.18 2.20
CA ASP A 313 -15.55 -14.10 1.33
C ASP A 313 -16.85 -14.50 2.06
N GLU A 314 -16.74 -14.78 3.36
CA GLU A 314 -17.85 -15.26 4.21
C GLU A 314 -18.97 -14.27 4.39
N VAL A 315 -18.64 -12.99 4.52
CA VAL A 315 -19.66 -11.97 4.74
C VAL A 315 -20.31 -11.46 3.43
N GLY A 316 -19.80 -11.86 2.28
CA GLY A 316 -20.44 -11.56 1.01
C GLY A 316 -19.79 -10.53 0.12
N PHE A 317 -18.52 -10.19 0.37
CA PHE A 317 -17.77 -9.44 -0.68
C PHE A 317 -17.42 -10.26 -1.92
N ARG A 318 -16.99 -9.53 -2.95
CA ARG A 318 -15.96 -9.90 -3.93
C ARG A 318 -16.47 -9.94 -5.35
#